data_9GTF
#
_entry.id   9GTF
#
_cell.length_a   169.330
_cell.length_b   169.330
_cell.length_c   51.870
_cell.angle_alpha   90.00
_cell.angle_beta   90.00
_cell.angle_gamma   120.00
#
_symmetry.space_group_name_H-M   'P 31 2 1'
#
loop_
_entity.id
_entity.type
_entity.pdbx_description
1 polymer "2'-O-methyltransferase nsp16"
2 polymer 'Non-structural protein 10'
3 non-polymer 1,2-ETHANEDIOL
4 non-polymer '2-(N-MORPHOLINO)-ETHANESULFONIC ACID'
5 non-polymer S-ADENOSYLMETHIONINE
6 non-polymer 7-[(3~{R},4~{R},6~{S})-1-[(2~{S})-2-azanyl-4-methyl-pentanoyl]-4-methyl-4,6-bis(oxidanyl)azepan-3-yl]-1,3-dimethyl-purine-2,6-dione
7 non-polymer 'ZINC ION'
8 non-polymer 'CHLORIDE ION'
9 water water
#
loop_
_entity_poly.entity_id
_entity_poly.type
_entity_poly.pdbx_seq_one_letter_code
_entity_poly.pdbx_strand_id
1 'polypeptide(L)'
;SSQAWQPGVAMPNLYKMQRMLLEKCDLQNYGDSATLPKGIMMNVAKYTQLCQYLNTLTLAVPYNMRVIHFGAGSDKGVAP
GTAVLRQWLPTGTLLVDSDLNDFVSDADSTLIGDCATVHTANKWDLIISDMYDPKTKNVTKENDSKEGFFTYICGFIQQK
LALGGSVAIKITEHSWNADLYKLMGHFAWWTAFVTNVNASSSEAFLIGCNYLGKPREQIDGYVMHANYIFWRNTNPIQLS
SYSLFDMSKFPLKLRGTAVMSLKEGQINDMILSLLSKGRLIIRENNRVVISSDVLVNNENLYFQ
;
A
2 'polypeptide(L)'
;GAGNATEVPANSTVLSFCAFAVDAAKAYKDYLASGGQPITNCVKMLCTHTGTGQAITVTPEANMDQESFGGASCCLYCRC
HIDHPNPKGFCDLKGKYVQIPTTCANDPVGFTLKNTVCTVCGMWKGYGCSCDQLREPMLQ
;
B
#
# COMPACT_ATOMS: atom_id res chain seq x y z
N SER A 1 -24.76 -5.16 -11.45
CA SER A 1 -24.97 -6.61 -11.16
C SER A 1 -23.64 -7.28 -10.84
N SER A 2 -22.85 -7.33 -11.91
CA SER A 2 -21.53 -7.91 -11.91
C SER A 2 -20.53 -7.13 -11.07
N GLN A 3 -20.95 -6.01 -10.44
CA GLN A 3 -19.98 -5.28 -9.62
C GLN A 3 -19.40 -6.17 -8.53
N ALA A 4 -20.16 -7.18 -8.06
CA ALA A 4 -19.69 -7.98 -6.93
C ALA A 4 -18.44 -8.76 -7.30
N TRP A 5 -18.26 -9.07 -8.58
CA TRP A 5 -17.06 -9.78 -9.04
C TRP A 5 -15.91 -8.85 -9.41
N GLN A 6 -16.11 -7.54 -9.36
CA GLN A 6 -15.01 -6.59 -9.52
C GLN A 6 -14.22 -6.45 -8.23
N PRO A 7 -13.03 -5.83 -8.28
CA PRO A 7 -12.38 -5.44 -7.01
C PRO A 7 -13.10 -4.27 -6.33
N GLY A 8 -13.95 -3.53 -7.05
CA GLY A 8 -14.64 -2.40 -6.47
C GLY A 8 -15.37 -1.60 -7.53
N VAL A 9 -15.67 -0.35 -7.21
CA VAL A 9 -16.53 0.47 -8.04
C VAL A 9 -15.96 1.88 -8.11
N ALA A 10 -15.77 2.36 -9.31
CA ALA A 10 -15.32 3.73 -9.53
C ALA A 10 -16.49 4.68 -9.76
N MET A 11 -16.35 5.90 -9.27
CA MET A 11 -17.34 6.95 -9.46
C MET A 11 -17.61 7.15 -10.95
N PRO A 12 -18.82 6.92 -11.40
CA PRO A 12 -19.10 7.06 -12.84
C PRO A 12 -19.01 8.51 -13.26
N ASN A 13 -18.59 8.69 -14.50
CA ASN A 13 -18.30 10.01 -15.05
C ASN A 13 -19.48 10.95 -14.94
N LEU A 14 -20.71 10.45 -15.15
CA LEU A 14 -21.85 11.36 -15.09
C LEU A 14 -21.98 12.00 -13.70
N TYR A 15 -21.59 11.28 -12.64
CA TYR A 15 -21.65 11.88 -11.30
C TYR A 15 -20.58 12.95 -11.13
N LYS A 16 -19.48 12.81 -11.85
CA LYS A 16 -18.40 13.80 -11.79
C LYS A 16 -18.86 15.12 -12.40
N MET A 17 -19.77 15.05 -13.37
CA MET A 17 -20.20 16.24 -14.08
C MET A 17 -21.30 17.00 -13.36
N GLN A 18 -21.78 16.50 -12.22
CA GLN A 18 -22.90 17.17 -11.59
C GLN A 18 -22.42 18.41 -10.82
N ARG A 19 -23.37 19.08 -10.21
CA ARG A 19 -23.10 20.23 -9.37
C ARG A 19 -23.97 20.11 -8.11
N MET A 20 -23.79 19.03 -7.38
CA MET A 20 -24.59 18.78 -6.19
C MET A 20 -24.07 19.60 -5.02
N LEU A 21 -24.89 19.67 -3.98
CA LEU A 21 -24.53 20.28 -2.70
C LEU A 21 -24.24 19.17 -1.69
N LEU A 22 -23.41 19.51 -0.71
CA LEU A 22 -22.92 18.51 0.23
C LEU A 22 -24.02 18.13 1.21
N GLU A 23 -24.28 16.82 1.30
CA GLU A 23 -25.23 16.25 2.25
C GLU A 23 -24.46 15.33 3.20
N LYS A 24 -25.07 15.01 4.33
CA LYS A 24 -24.50 13.94 5.15
C LYS A 24 -24.54 12.63 4.36
N CYS A 25 -23.53 11.78 4.58
CA CYS A 25 -23.45 10.49 3.93
C CYS A 25 -24.18 9.46 4.76
N ASP A 26 -25.13 8.77 4.13
CA ASP A 26 -25.94 7.73 4.78
C ASP A 26 -25.93 6.51 3.86
N LEU A 27 -25.16 5.50 4.26
CA LEU A 27 -25.03 4.25 3.52
C LEU A 27 -25.93 3.17 4.12
N GLN A 28 -26.74 2.52 3.27
CA GLN A 28 -27.70 1.54 3.78
C GLN A 28 -27.00 0.34 4.43
N ASN A 29 -25.86 -0.10 3.89
CA ASN A 29 -25.15 -1.23 4.45
C ASN A 29 -24.08 -0.81 5.46
N TYR A 30 -24.16 0.41 5.98
CA TYR A 30 -23.27 0.80 7.06
C TYR A 30 -23.33 -0.25 8.15
N GLY A 31 -22.16 -0.69 8.62
CA GLY A 31 -22.11 -1.65 9.70
C GLY A 31 -21.90 -3.07 9.21
N ASP A 32 -22.57 -3.44 8.11
CA ASP A 32 -22.34 -4.73 7.47
C ASP A 32 -20.87 -4.90 7.10
N SER A 33 -20.44 -6.16 7.00
CA SER A 33 -19.04 -6.48 6.73
C SER A 33 -18.94 -7.58 5.66
N ALA A 34 -17.88 -7.47 4.87
CA ALA A 34 -17.60 -8.49 3.87
C ALA A 34 -17.01 -9.72 4.55
N THR A 35 -17.19 -10.88 3.93
CA THR A 35 -16.65 -12.11 4.48
C THR A 35 -15.27 -12.36 3.89
N LEU A 36 -14.28 -12.10 4.67
CA LEU A 36 -12.92 -12.21 4.25
C LEU A 36 -12.48 -13.67 4.23
N PRO A 37 -11.55 -14.01 3.35
CA PRO A 37 -10.96 -15.35 3.39
C PRO A 37 -10.30 -15.59 4.74
N LYS A 38 -10.33 -16.84 5.16
CA LYS A 38 -9.81 -17.25 6.46
C LYS A 38 -8.47 -16.61 6.76
N GLY A 39 -8.42 -15.86 7.88
CA GLY A 39 -7.17 -15.30 8.35
C GLY A 39 -6.64 -14.10 7.61
N ILE A 40 -7.40 -13.52 6.70
CA ILE A 40 -6.96 -12.36 5.95
C ILE A 40 -7.46 -11.08 6.61
N MET A 41 -6.51 -10.19 6.91
CA MET A 41 -6.80 -8.88 7.48
C MET A 41 -7.58 -8.00 6.49
N MET A 42 -8.44 -7.13 7.03
CA MET A 42 -9.14 -6.15 6.21
C MET A 42 -8.19 -5.30 5.39
N ASN A 43 -7.07 -4.90 5.98
CA ASN A 43 -6.21 -4.00 5.24
C ASN A 43 -5.48 -4.71 4.11
N VAL A 44 -5.17 -5.98 4.25
CA VAL A 44 -4.60 -6.72 3.11
C VAL A 44 -5.60 -6.80 1.96
N ALA A 45 -6.85 -7.16 2.29
CA ALA A 45 -7.91 -7.23 1.30
C ALA A 45 -8.12 -5.89 0.61
N LYS A 46 -8.13 -4.82 1.40
CA LYS A 46 -8.45 -3.51 0.88
C LYS A 46 -7.37 -3.10 -0.09
N TYR A 47 -6.09 -3.21 0.34
CA TYR A 47 -4.99 -2.85 -0.57
C TYR A 47 -4.95 -3.75 -1.81
N THR A 48 -5.29 -5.02 -1.66
CA THR A 48 -5.34 -5.94 -2.79
C THR A 48 -6.37 -5.48 -3.82
N GLN A 49 -7.60 -5.14 -3.38
CA GLN A 49 -8.60 -4.70 -4.35
C GLN A 49 -8.20 -3.38 -4.97
N LEU A 50 -7.59 -2.48 -4.20
CA LEU A 50 -7.08 -1.26 -4.80
C LEU A 50 -6.05 -1.55 -5.90
N CYS A 51 -5.13 -2.47 -5.64
CA CYS A 51 -4.14 -2.79 -6.63
C CYS A 51 -4.78 -3.48 -7.83
N GLN A 52 -5.76 -4.35 -7.57
CA GLN A 52 -6.48 -4.96 -8.68
C GLN A 52 -7.12 -3.89 -9.56
N TYR A 53 -7.71 -2.86 -8.94
CA TYR A 53 -8.32 -1.79 -9.71
C TYR A 53 -7.28 -1.01 -10.52
N LEU A 54 -6.16 -0.64 -9.88
CA LEU A 54 -5.06 0.00 -10.57
C LEU A 54 -4.51 -0.81 -11.75
N ASN A 55 -4.58 -2.15 -11.68
CA ASN A 55 -4.14 -2.92 -12.84
C ASN A 55 -4.98 -2.61 -14.10
N THR A 56 -6.16 -1.99 -13.98
CA THR A 56 -6.96 -1.63 -15.15
C THR A 56 -6.67 -0.25 -15.72
N LEU A 57 -5.75 0.50 -15.12
CA LEU A 57 -5.42 1.84 -15.60
C LEU A 57 -4.12 1.85 -16.34
N THR A 58 -3.83 2.99 -16.94
CA THR A 58 -2.62 3.22 -17.69
C THR A 58 -1.45 3.73 -16.83
N LEU A 59 -1.12 3.00 -15.77
CA LEU A 59 0.02 3.35 -14.95
C LEU A 59 1.32 3.23 -15.74
N ALA A 60 2.12 4.28 -15.67
CA ALA A 60 3.52 4.18 -16.03
C ALA A 60 4.23 3.23 -15.07
N VAL A 61 5.00 2.29 -15.63
CA VAL A 61 5.76 1.32 -14.82
C VAL A 61 7.20 1.20 -15.32
N PRO A 62 8.05 2.17 -15.01
CA PRO A 62 9.43 2.13 -15.52
C PRO A 62 10.26 1.07 -14.80
N TYR A 63 11.42 0.78 -15.41
CA TYR A 63 12.48 0.10 -14.67
C TYR A 63 12.91 1.00 -13.52
N ASN A 64 13.27 0.39 -12.41
CA ASN A 64 13.67 1.11 -11.21
C ASN A 64 12.61 2.13 -10.84
N MET A 65 11.38 1.64 -10.83
CA MET A 65 10.24 2.40 -10.35
C MET A 65 10.41 2.81 -8.88
N ARG A 66 9.83 3.96 -8.54
CA ARG A 66 9.96 4.54 -7.21
C ARG A 66 8.56 4.81 -6.65
N VAL A 67 8.24 4.17 -5.55
CA VAL A 67 6.93 4.29 -4.93
C VAL A 67 7.10 4.72 -3.48
N ILE A 68 6.25 5.67 -3.04
CA ILE A 68 6.24 6.11 -1.66
C ILE A 68 4.83 5.97 -1.10
N HIS A 69 4.74 5.49 0.14
CA HIS A 69 3.50 5.05 0.78
C HIS A 69 3.33 5.73 2.14
N PHE A 70 2.45 6.73 2.22
CA PHE A 70 2.22 7.43 3.48
C PHE A 70 1.09 6.79 4.30
N GLY A 71 1.19 6.94 5.59
CA GLY A 71 0.17 6.44 6.49
C GLY A 71 0.18 4.93 6.42
N ALA A 72 1.36 4.33 6.48
CA ALA A 72 1.50 2.90 6.25
C ALA A 72 1.57 2.07 7.51
N GLY A 73 1.70 2.72 8.68
CA GLY A 73 1.64 1.98 9.93
C GLY A 73 0.20 1.66 10.34
N SER A 74 0.04 0.55 11.03
CA SER A 74 -1.23 0.16 11.61
C SER A 74 -1.17 0.22 13.14
N ASP A 75 -2.33 0.03 13.74
CA ASP A 75 -2.39 -0.05 15.20
C ASP A 75 -1.77 -1.32 15.77
N LYS A 76 -1.28 -2.22 14.92
CA LYS A 76 -0.62 -3.44 15.38
C LYS A 76 0.87 -3.40 15.10
N GLY A 77 1.38 -2.28 14.58
CA GLY A 77 2.81 -2.08 14.47
C GLY A 77 3.47 -2.71 13.28
N VAL A 78 2.70 -3.10 12.28
CA VAL A 78 3.20 -3.66 11.04
C VAL A 78 2.53 -2.90 9.88
N ALA A 79 2.89 -3.28 8.66
CA ALA A 79 2.53 -2.52 7.47
C ALA A 79 1.89 -3.44 6.46
N PRO A 80 0.61 -3.80 6.67
CA PRO A 80 -0.06 -4.73 5.73
C PRO A 80 -0.13 -4.18 4.31
N GLY A 81 -0.58 -2.92 4.16
CA GLY A 81 -0.66 -2.32 2.83
C GLY A 81 0.67 -2.31 2.11
N THR A 82 1.74 -2.04 2.85
CA THR A 82 3.06 -2.04 2.24
C THR A 82 3.41 -3.43 1.72
N ALA A 83 3.05 -4.48 2.47
CA ALA A 83 3.29 -5.82 2.00
C ALA A 83 2.53 -6.10 0.71
N VAL A 84 1.27 -5.60 0.60
CA VAL A 84 0.53 -5.82 -0.64
C VAL A 84 1.16 -5.04 -1.80
N LEU A 85 1.54 -3.77 -1.56
CA LEU A 85 2.16 -2.96 -2.61
C LEU A 85 3.42 -3.61 -3.13
N ARG A 86 4.21 -4.19 -2.23
CA ARG A 86 5.47 -4.80 -2.62
C ARG A 86 5.25 -6.11 -3.38
N GLN A 87 4.25 -6.89 -2.97
CA GLN A 87 3.85 -8.04 -3.75
C GLN A 87 3.42 -7.63 -5.16
N TRP A 88 2.68 -6.52 -5.26
CA TRP A 88 2.12 -6.06 -6.53
C TRP A 88 3.17 -5.45 -7.44
N LEU A 89 3.93 -4.49 -6.92
CA LEU A 89 4.97 -3.83 -7.69
C LEU A 89 6.03 -4.84 -8.15
N PRO A 90 6.64 -4.59 -9.29
CA PRO A 90 7.69 -5.50 -9.79
C PRO A 90 8.85 -5.65 -8.81
N THR A 91 9.45 -6.82 -8.82
CA THR A 91 10.56 -7.05 -7.92
C THR A 91 11.64 -6.01 -8.18
N GLY A 92 12.16 -5.44 -7.13
CA GLY A 92 13.19 -4.44 -7.24
C GLY A 92 12.65 -3.03 -7.22
N THR A 93 11.34 -2.85 -7.21
CA THR A 93 10.80 -1.50 -7.14
C THR A 93 11.16 -0.85 -5.80
N LEU A 94 11.83 0.29 -5.87
CA LEU A 94 12.14 1.06 -4.67
C LEU A 94 10.83 1.43 -3.99
N LEU A 95 10.70 1.11 -2.71
CA LEU A 95 9.49 1.35 -1.94
C LEU A 95 9.84 1.98 -0.60
N VAL A 96 9.35 3.19 -0.37
CA VAL A 96 9.51 3.91 0.88
C VAL A 96 8.15 4.11 1.50
N ASP A 97 8.07 3.97 2.84
CA ASP A 97 6.82 4.24 3.54
C ASP A 97 7.08 5.07 4.81
N SER A 98 6.01 5.62 5.36
CA SER A 98 6.10 6.53 6.48
C SER A 98 4.78 6.47 7.25
N ASP A 99 4.87 6.82 8.51
CA ASP A 99 3.73 6.93 9.38
C ASP A 99 4.17 7.73 10.60
N LEU A 100 3.18 8.29 11.30
CA LEU A 100 3.45 9.05 12.51
C LEU A 100 4.05 8.18 13.62
N ASN A 101 3.61 6.95 13.74
CA ASN A 101 4.05 6.07 14.81
C ASN A 101 4.93 4.95 14.28
N ASP A 102 5.81 4.48 15.15
CA ASP A 102 6.70 3.38 14.85
C ASP A 102 5.95 2.14 14.37
N PHE A 103 6.58 1.44 13.43
CA PHE A 103 6.01 0.21 12.86
C PHE A 103 7.10 -0.54 12.09
N VAL A 104 6.86 -1.83 11.91
CA VAL A 104 7.78 -2.76 11.27
C VAL A 104 7.32 -2.97 9.84
N SER A 105 8.24 -2.84 8.87
CA SER A 105 7.81 -2.79 7.49
C SER A 105 8.74 -3.60 6.58
N ASP A 106 8.18 -4.04 5.45
CA ASP A 106 8.91 -4.63 4.34
C ASP A 106 9.42 -3.58 3.31
N ALA A 107 9.09 -2.30 3.49
CA ALA A 107 9.62 -1.25 2.64
C ALA A 107 11.14 -1.18 2.69
N ASP A 108 11.73 -0.72 1.60
CA ASP A 108 13.18 -0.58 1.53
C ASP A 108 13.71 0.44 2.53
N SER A 109 12.97 1.51 2.78
CA SER A 109 13.27 2.47 3.82
C SER A 109 11.94 2.97 4.40
N THR A 110 11.96 3.24 5.71
CA THR A 110 10.81 3.66 6.49
C THR A 110 11.15 4.89 7.32
N LEU A 111 10.31 5.91 7.25
CA LEU A 111 10.50 7.14 7.99
C LEU A 111 9.31 7.32 8.93
N ILE A 112 9.62 7.48 10.23
CA ILE A 112 8.64 7.65 11.30
C ILE A 112 8.54 9.13 11.68
N GLY A 113 7.31 9.63 11.79
CA GLY A 113 7.08 11.00 12.18
C GLY A 113 5.96 11.65 11.42
N ASP A 114 5.60 12.89 11.72
CA ASP A 114 4.63 13.59 10.92
C ASP A 114 5.13 13.66 9.48
N CYS A 115 4.22 13.52 8.52
CA CYS A 115 4.63 13.45 7.11
C CYS A 115 5.36 14.75 6.71
N ALA A 116 5.08 15.86 7.39
CA ALA A 116 5.77 17.10 7.04
C ALA A 116 7.26 17.07 7.38
N THR A 117 7.69 16.17 8.27
CA THR A 117 9.11 16.03 8.54
C THR A 117 9.84 15.29 7.42
N VAL A 118 9.10 14.77 6.43
CA VAL A 118 9.67 13.94 5.37
C VAL A 118 10.09 14.81 4.21
N HIS A 119 11.37 14.67 3.80
CA HIS A 119 11.94 15.35 2.65
C HIS A 119 12.63 14.36 1.74
N THR A 120 12.52 14.59 0.45
CA THR A 120 13.33 13.90 -0.56
C THR A 120 13.63 14.90 -1.66
N ALA A 121 14.71 14.70 -2.38
CA ALA A 121 14.89 15.56 -3.54
C ALA A 121 14.42 14.85 -4.81
N ASN A 122 14.19 13.56 -4.70
CA ASN A 122 13.81 12.73 -5.84
C ASN A 122 12.35 12.91 -6.17
N LYS A 123 12.02 12.66 -7.42
CA LYS A 123 10.64 12.53 -7.85
C LYS A 123 10.21 11.08 -7.70
N TRP A 124 8.90 10.87 -7.75
CA TRP A 124 8.28 9.56 -7.52
C TRP A 124 7.34 9.21 -8.67
N ASP A 125 7.25 7.93 -8.95
CA ASP A 125 6.37 7.47 -10.01
C ASP A 125 4.99 7.10 -9.51
N LEU A 126 4.85 6.86 -8.23
CA LEU A 126 3.55 6.46 -7.68
C LEU A 126 3.50 6.83 -6.21
N ILE A 127 2.49 7.61 -5.83
CA ILE A 127 2.25 7.98 -4.43
C ILE A 127 0.97 7.31 -3.93
N ILE A 128 1.10 6.59 -2.82
CA ILE A 128 -0.03 5.95 -2.15
C ILE A 128 -0.15 6.53 -0.73
N SER A 129 -1.36 6.91 -0.35
CA SER A 129 -1.60 7.43 0.99
C SER A 129 -2.82 6.80 1.65
N ASP A 130 -2.62 6.29 2.85
CA ASP A 130 -3.72 5.84 3.70
C ASP A 130 -3.78 6.68 4.97
N MET A 131 -3.15 7.85 4.98
CA MET A 131 -3.23 8.74 6.13
C MET A 131 -4.68 9.07 6.40
N TYR A 132 -5.02 9.04 7.67
CA TYR A 132 -6.37 9.22 8.17
C TYR A 132 -6.31 9.41 9.68
N ASP A 133 -6.90 10.49 10.16
CA ASP A 133 -7.06 10.78 11.57
C ASP A 133 -8.50 10.52 11.95
N PRO A 134 -8.81 9.53 12.77
CA PRO A 134 -10.23 9.15 12.94
C PRO A 134 -11.03 10.16 13.76
N LYS A 135 -10.35 11.07 14.44
CA LYS A 135 -11.04 12.16 15.12
C LYS A 135 -11.81 13.05 14.15
N THR A 136 -11.40 13.11 12.88
CA THR A 136 -12.15 13.87 11.87
C THR A 136 -13.31 13.02 11.37
N LYS A 137 -14.16 12.64 12.31
CA LYS A 137 -15.33 11.79 12.06
C LYS A 137 -16.51 12.36 12.82
N ASN A 138 -16.36 13.58 13.36
CA ASN A 138 -17.38 14.25 14.17
C ASN A 138 -18.55 14.67 13.29
N VAL A 139 -19.71 14.03 13.52
CA VAL A 139 -20.93 14.31 12.76
C VAL A 139 -21.74 15.48 13.33
N THR A 140 -21.26 16.13 14.40
CA THR A 140 -21.98 17.22 15.05
C THR A 140 -21.46 18.61 14.65
N LYS A 141 -20.52 18.69 13.70
CA LYS A 141 -19.97 19.96 13.23
C LYS A 141 -19.76 19.92 11.71
N GLU A 142 -19.89 21.08 11.09
CA GLU A 142 -19.83 21.18 9.65
C GLU A 142 -18.65 20.39 9.09
N ASN A 143 -18.84 19.89 7.87
CA ASN A 143 -17.86 19.05 7.19
C ASN A 143 -17.11 19.93 6.20
N ASP A 144 -16.06 20.58 6.68
CA ASP A 144 -15.29 21.50 5.87
C ASP A 144 -14.08 20.79 5.25
N SER A 145 -13.56 21.38 4.17
CA SER A 145 -12.33 20.87 3.59
C SER A 145 -11.25 20.90 4.68
N LYS A 146 -10.53 19.79 4.80
CA LYS A 146 -9.55 19.59 5.86
C LYS A 146 -8.13 19.86 5.35
N GLU A 147 -7.27 20.28 6.28
CA GLU A 147 -5.90 20.59 5.90
C GLU A 147 -4.97 19.53 6.44
N GLY A 148 -4.12 19.89 7.40
CA GLY A 148 -3.17 18.97 7.98
C GLY A 148 -2.38 18.20 6.93
N PHE A 149 -2.45 16.87 6.97
CA PHE A 149 -1.61 16.08 6.07
C PHE A 149 -2.01 16.30 4.61
N PHE A 150 -3.29 16.65 4.35
CA PHE A 150 -3.70 16.86 2.95
C PHE A 150 -2.92 18.04 2.34
N THR A 151 -2.55 19.02 3.15
CA THR A 151 -1.79 20.14 2.60
C THR A 151 -0.39 19.71 2.20
N TYR A 152 0.25 18.87 3.01
CA TYR A 152 1.52 18.27 2.63
C TYR A 152 1.37 17.46 1.36
N ILE A 153 0.28 16.69 1.26
CA ILE A 153 0.11 15.79 0.14
C ILE A 153 -0.07 16.58 -1.14
N CYS A 154 -0.81 17.69 -1.08
CA CYS A 154 -0.96 18.49 -2.30
C CYS A 154 0.40 19.02 -2.74
N GLY A 155 1.20 19.52 -1.81
CA GLY A 155 2.50 20.03 -2.19
C GLY A 155 3.42 18.95 -2.69
N PHE A 156 3.33 17.75 -2.10
CA PHE A 156 4.25 16.67 -2.48
C PHE A 156 3.99 16.26 -3.92
N ILE A 157 2.72 16.26 -4.31
CA ILE A 157 2.36 15.95 -5.69
C ILE A 157 2.90 17.01 -6.65
N GLN A 158 2.61 18.29 -6.39
CA GLN A 158 3.07 19.32 -7.31
C GLN A 158 4.58 19.32 -7.41
N GLN A 159 5.27 19.02 -6.32
CA GLN A 159 6.71 19.15 -6.28
C GLN A 159 7.47 17.86 -6.55
N LYS A 160 6.93 16.71 -6.18
CA LYS A 160 7.74 15.50 -6.15
C LYS A 160 7.15 14.35 -6.97
N LEU A 161 6.04 14.55 -7.68
CA LEU A 161 5.51 13.50 -8.55
C LEU A 161 5.98 13.71 -9.97
N ALA A 162 6.66 12.70 -10.52
CA ALA A 162 7.11 12.76 -11.90
C ALA A 162 5.92 12.90 -12.85
N LEU A 163 6.16 13.50 -14.00
CA LEU A 163 5.12 13.56 -15.01
C LEU A 163 4.84 12.14 -15.51
N GLY A 164 3.56 11.84 -15.68
CA GLY A 164 3.11 10.52 -16.02
C GLY A 164 2.89 9.62 -14.85
N GLY A 165 3.32 10.06 -13.65
CA GLY A 165 3.09 9.28 -12.43
C GLY A 165 1.63 9.36 -11.97
N SER A 166 1.29 8.50 -11.04
CA SER A 166 -0.07 8.32 -10.59
C SER A 166 -0.13 8.38 -9.07
N VAL A 167 -1.35 8.62 -8.56
CA VAL A 167 -1.56 8.68 -7.12
C VAL A 167 -2.87 7.98 -6.72
N ALA A 168 -2.90 7.50 -5.47
CA ALA A 168 -4.11 7.02 -4.82
C ALA A 168 -4.13 7.49 -3.36
N ILE A 169 -5.08 8.37 -3.02
CA ILE A 169 -5.11 9.06 -1.72
C ILE A 169 -6.41 8.72 -1.00
N LYS A 170 -6.32 8.15 0.19
CA LYS A 170 -7.54 7.74 0.90
C LYS A 170 -8.29 8.96 1.44
N ILE A 171 -9.60 8.99 1.17
CA ILE A 171 -10.49 10.00 1.69
C ILE A 171 -11.67 9.27 2.31
N THR A 172 -12.45 10.01 3.09
CA THR A 172 -13.75 9.60 3.62
C THR A 172 -14.67 10.79 3.50
N GLU A 173 -15.90 10.62 3.99
CA GLU A 173 -16.85 11.72 4.02
C GLU A 173 -16.27 12.96 4.70
N HIS A 174 -15.63 12.79 5.85
CA HIS A 174 -15.08 13.94 6.55
C HIS A 174 -13.59 14.14 6.35
N SER A 175 -12.83 13.10 5.98
CA SER A 175 -11.41 13.26 5.67
C SER A 175 -11.24 13.51 4.18
N TRP A 176 -11.19 14.80 3.82
CA TRP A 176 -11.13 15.18 2.41
C TRP A 176 -10.57 16.59 2.31
N ASN A 177 -10.25 16.99 1.09
CA ASN A 177 -9.57 18.27 0.85
C ASN A 177 -9.95 18.78 -0.53
N ALA A 178 -10.33 20.07 -0.61
CA ALA A 178 -10.80 20.62 -1.87
C ALA A 178 -9.67 20.77 -2.89
N ASP A 179 -8.48 21.14 -2.45
CA ASP A 179 -7.37 21.29 -3.39
C ASP A 179 -6.93 19.97 -3.99
N LEU A 180 -7.06 18.89 -3.24
CA LEU A 180 -6.67 17.59 -3.79
C LEU A 180 -7.63 17.20 -4.92
N TYR A 181 -8.94 17.38 -4.72
CA TYR A 181 -9.85 17.22 -5.84
C TYR A 181 -9.45 18.07 -7.03
N LYS A 182 -9.11 19.34 -6.77
CA LYS A 182 -8.68 20.22 -7.84
C LYS A 182 -7.49 19.64 -8.57
N LEU A 183 -6.52 19.14 -7.81
CA LEU A 183 -5.34 18.54 -8.39
C LEU A 183 -5.66 17.33 -9.25
N MET A 184 -6.79 16.66 -8.98
CA MET A 184 -7.15 15.54 -9.83
C MET A 184 -7.31 15.97 -11.29
N GLY A 185 -7.74 17.22 -11.52
CA GLY A 185 -7.82 17.72 -12.88
C GLY A 185 -6.49 18.08 -13.53
N HIS A 186 -5.38 17.89 -12.83
CA HIS A 186 -4.03 18.03 -13.36
C HIS A 186 -3.50 16.68 -13.83
N PHE A 187 -4.35 15.65 -13.82
CA PHE A 187 -4.02 14.34 -14.37
C PHE A 187 -4.82 14.09 -15.64
N ALA A 188 -4.39 13.09 -16.42
CA ALA A 188 -5.07 12.77 -17.66
C ALA A 188 -6.42 12.15 -17.38
N TRP A 189 -6.60 11.54 -16.20
CA TRP A 189 -7.84 10.90 -15.79
C TRP A 189 -7.83 10.78 -14.26
N TRP A 190 -9.03 10.69 -13.68
CA TRP A 190 -9.15 10.60 -12.25
C TRP A 190 -10.42 9.86 -11.90
N THR A 191 -10.45 9.29 -10.70
CA THR A 191 -11.70 8.78 -10.16
C THR A 191 -11.60 8.69 -8.66
N ALA A 192 -12.74 8.37 -8.04
CA ALA A 192 -12.85 7.95 -6.66
C ALA A 192 -13.23 6.48 -6.68
N PHE A 193 -12.41 5.63 -6.06
CA PHE A 193 -12.59 4.18 -6.12
C PHE A 193 -12.93 3.65 -4.73
N VAL A 194 -14.05 2.96 -4.63
CA VAL A 194 -14.52 2.30 -3.42
C VAL A 194 -14.20 0.80 -3.56
N THR A 195 -13.43 0.26 -2.61
CA THR A 195 -13.19 -1.19 -2.62
C THR A 195 -14.48 -1.94 -2.20
N ASN A 196 -14.69 -3.10 -2.82
CA ASN A 196 -15.88 -3.87 -2.51
C ASN A 196 -15.86 -4.41 -1.09
N VAL A 197 -14.66 -4.64 -0.53
CA VAL A 197 -14.59 -5.18 0.82
C VAL A 197 -14.94 -4.10 1.87
N ASN A 198 -14.80 -2.81 1.52
CA ASN A 198 -15.11 -1.74 2.47
C ASN A 198 -16.26 -0.86 1.98
N ALA A 199 -17.16 -1.42 1.18
CA ALA A 199 -18.21 -0.60 0.58
C ALA A 199 -19.22 -0.05 1.56
N SER A 200 -19.23 -0.56 2.80
CA SER A 200 -20.09 -0.04 3.86
C SER A 200 -19.53 1.23 4.48
N SER A 201 -18.34 1.61 4.10
CA SER A 201 -17.65 2.80 4.56
C SER A 201 -17.71 3.87 3.47
N SER A 202 -17.71 5.13 3.92
CA SER A 202 -17.61 6.26 3.02
C SER A 202 -16.19 6.44 2.49
N GLU A 203 -15.27 5.57 2.87
CA GLU A 203 -13.94 5.61 2.29
C GLU A 203 -13.98 5.51 0.76
N ALA A 204 -13.07 6.23 0.12
CA ALA A 204 -12.67 5.98 -1.24
C ALA A 204 -11.21 6.37 -1.37
N PHE A 205 -10.62 5.91 -2.47
CA PHE A 205 -9.29 6.34 -2.87
C PHE A 205 -9.39 7.29 -4.05
N LEU A 206 -8.94 8.54 -3.84
N LEU A 206 -8.92 8.52 -3.86
CA LEU A 206 -8.87 9.47 -4.95
CA LEU A 206 -8.89 9.48 -4.95
C LEU A 206 -7.69 9.10 -5.82
C LEU A 206 -7.69 9.11 -5.82
N ILE A 207 -7.98 8.68 -7.05
CA ILE A 207 -6.96 8.19 -7.96
C ILE A 207 -6.73 9.20 -9.06
N GLY A 208 -5.49 9.67 -9.17
CA GLY A 208 -5.05 10.49 -10.29
C GLY A 208 -4.14 9.71 -11.22
N CYS A 209 -4.48 9.60 -12.50
CA CYS A 209 -3.78 8.68 -13.40
C CYS A 209 -3.00 9.47 -14.45
N ASN A 210 -1.66 9.35 -14.41
CA ASN A 210 -0.78 10.02 -15.35
C ASN A 210 -0.81 11.55 -15.15
N TYR A 211 0.12 12.05 -14.35
CA TYR A 211 0.18 13.44 -13.96
C TYR A 211 0.77 14.28 -15.09
N LEU A 212 0.18 15.45 -15.33
CA LEU A 212 0.53 16.30 -16.46
C LEU A 212 1.14 17.64 -16.04
N GLY A 213 1.24 17.90 -14.74
CA GLY A 213 1.92 19.09 -14.25
C GLY A 213 1.13 20.37 -14.38
N LYS A 214 -0.11 20.29 -14.82
CA LYS A 214 -0.89 21.44 -15.21
C LYS A 214 -2.34 21.03 -15.26
N PRO A 215 -3.26 21.98 -15.12
CA PRO A 215 -4.69 21.64 -15.24
C PRO A 215 -5.05 21.23 -16.65
N ARG A 216 -5.68 20.08 -16.76
CA ARG A 216 -6.33 19.66 -17.98
C ARG A 216 -7.79 20.10 -17.96
N GLU A 217 -8.44 19.99 -16.80
CA GLU A 217 -9.78 20.54 -16.60
C GLU A 217 -9.82 21.21 -15.24
N GLN A 218 -10.79 22.10 -15.06
CA GLN A 218 -10.94 22.86 -13.84
C GLN A 218 -11.97 22.18 -12.97
N ILE A 219 -11.59 21.86 -11.74
CA ILE A 219 -12.44 21.15 -10.82
C ILE A 219 -12.56 22.00 -9.57
N ASP A 220 -13.80 22.31 -9.20
CA ASP A 220 -14.14 22.88 -7.90
C ASP A 220 -14.22 21.72 -6.90
N GLY A 221 -13.27 21.69 -5.96
CA GLY A 221 -13.13 20.53 -5.11
C GLY A 221 -14.25 20.41 -4.11
N TYR A 222 -14.82 21.54 -3.68
CA TYR A 222 -15.97 21.48 -2.78
C TYR A 222 -17.16 20.83 -3.47
N VAL A 223 -17.42 21.21 -4.72
CA VAL A 223 -18.54 20.65 -5.46
C VAL A 223 -18.34 19.16 -5.72
N MET A 224 -17.11 18.78 -6.01
CA MET A 224 -16.86 17.40 -6.42
C MET A 224 -16.97 16.45 -5.23
N HIS A 225 -16.55 16.86 -4.04
CA HIS A 225 -16.77 16.00 -2.88
C HIS A 225 -18.27 15.84 -2.65
N ALA A 226 -19.04 16.90 -2.90
CA ALA A 226 -20.49 16.77 -2.78
C ALA A 226 -21.03 15.79 -3.81
N ASN A 227 -20.45 15.80 -5.02
CA ASN A 227 -20.87 14.86 -6.06
C ASN A 227 -20.53 13.44 -5.66
N TYR A 228 -19.34 13.26 -5.06
CA TYR A 228 -18.93 11.96 -4.56
C TYR A 228 -19.90 11.42 -3.51
N ILE A 229 -20.22 12.23 -2.50
CA ILE A 229 -21.17 11.82 -1.48
C ILE A 229 -22.53 11.52 -2.11
N PHE A 230 -22.94 12.36 -3.08
CA PHE A 230 -24.21 12.10 -3.76
C PHE A 230 -24.19 10.72 -4.41
N TRP A 231 -23.11 10.41 -5.16
CA TRP A 231 -22.96 9.07 -5.75
C TRP A 231 -23.08 7.99 -4.68
N ARG A 232 -22.25 8.09 -3.63
CA ARG A 232 -22.32 7.10 -2.56
C ARG A 232 -23.72 6.95 -1.98
N ASN A 233 -24.43 8.08 -1.75
CA ASN A 233 -25.70 8.04 -1.07
C ASN A 233 -26.78 7.40 -1.90
N THR A 234 -26.64 7.38 -3.21
CA THR A 234 -27.69 6.88 -4.09
C THR A 234 -27.30 5.61 -4.83
N ASN A 235 -26.07 5.11 -4.63
CA ASN A 235 -25.62 3.88 -5.30
C ASN A 235 -25.04 2.92 -4.28
N PRO A 236 -25.89 2.21 -3.58
CA PRO A 236 -25.41 1.21 -2.62
C PRO A 236 -24.54 0.20 -3.32
N ILE A 237 -23.36 -0.05 -2.74
CA ILE A 237 -22.41 -1.00 -3.27
C ILE A 237 -22.47 -2.25 -2.40
N GLN A 238 -22.74 -3.39 -3.02
CA GLN A 238 -22.79 -4.66 -2.31
C GLN A 238 -21.38 -5.09 -1.84
N LEU A 239 -21.26 -5.31 -0.54
CA LEU A 239 -20.02 -5.81 0.03
C LEU A 239 -19.62 -7.11 -0.64
N SER A 240 -18.42 -7.14 -1.17
CA SER A 240 -17.97 -8.36 -1.79
C SER A 240 -16.47 -8.58 -1.56
N SER A 241 -16.13 -9.84 -1.32
N SER A 241 -16.12 -9.84 -1.33
CA SER A 241 -14.75 -10.27 -1.24
CA SER A 241 -14.74 -10.29 -1.27
C SER A 241 -14.37 -11.17 -2.41
C SER A 241 -14.37 -11.20 -2.43
N TYR A 242 -15.20 -11.19 -3.46
N TYR A 242 -15.19 -11.27 -3.48
CA TYR A 242 -15.06 -12.18 -4.54
CA TYR A 242 -14.97 -12.25 -4.53
C TYR A 242 -13.73 -12.08 -5.29
C TYR A 242 -13.62 -12.09 -5.21
N SER A 243 -13.27 -10.84 -5.57
CA SER A 243 -12.06 -10.68 -6.37
C SER A 243 -10.81 -11.16 -5.64
N LEU A 244 -10.87 -11.33 -4.31
CA LEU A 244 -9.66 -11.69 -3.58
C LEU A 244 -9.20 -13.11 -3.85
N PHE A 245 -10.10 -13.95 -4.39
CA PHE A 245 -9.81 -15.35 -4.62
C PHE A 245 -9.07 -15.61 -5.91
N ASP A 246 -8.99 -14.65 -6.81
CA ASP A 246 -8.37 -14.88 -8.10
C ASP A 246 -7.22 -13.88 -8.16
N MET A 247 -6.05 -14.38 -7.85
CA MET A 247 -4.80 -13.63 -7.79
C MET A 247 -3.90 -13.87 -9.00
N SER A 248 -4.37 -14.64 -9.99
CA SER A 248 -3.53 -15.04 -11.10
C SER A 248 -3.03 -13.87 -11.96
N LYS A 249 -3.75 -12.74 -12.00
CA LYS A 249 -3.33 -11.60 -12.81
C LYS A 249 -2.95 -10.41 -11.95
N PHE A 250 -2.68 -10.66 -10.68
CA PHE A 250 -2.42 -9.57 -9.75
C PHE A 250 -1.15 -8.78 -10.03
N PRO A 251 0.00 -9.38 -10.35
CA PRO A 251 1.24 -8.60 -10.48
C PRO A 251 1.09 -7.47 -11.47
N LEU A 252 1.59 -6.30 -11.09
CA LEU A 252 1.64 -5.17 -11.98
C LEU A 252 2.53 -5.50 -13.16
N LYS A 253 2.00 -5.32 -14.36
N LYS A 253 1.99 -5.34 -14.36
CA LYS A 253 2.73 -5.64 -15.57
CA LYS A 253 2.74 -5.61 -15.59
C LYS A 253 3.93 -4.71 -15.72
C LYS A 253 3.95 -4.69 -15.67
N LEU A 254 5.14 -5.27 -15.77
CA LEU A 254 6.35 -4.46 -15.88
C LEU A 254 6.45 -3.98 -17.33
N ARG A 255 6.04 -2.73 -17.57
CA ARG A 255 5.94 -2.15 -18.91
C ARG A 255 7.27 -1.61 -19.46
N GLY A 256 8.31 -1.51 -18.63
CA GLY A 256 9.55 -0.88 -19.08
C GLY A 256 9.36 0.54 -19.58
N THR A 257 8.33 1.23 -19.08
CA THR A 257 8.01 2.59 -19.50
C THR A 257 9.26 3.45 -19.56
N ALA A 258 9.35 4.27 -20.58
CA ALA A 258 10.55 5.08 -20.75
C ALA A 258 10.63 6.22 -19.76
N VAL A 259 11.87 6.55 -19.37
CA VAL A 259 12.15 7.68 -18.50
C VAL A 259 13.04 8.67 -19.24
N MET A 260 12.62 9.94 -19.24
CA MET A 260 13.39 11.02 -19.81
C MET A 260 13.51 12.15 -18.81
N SER A 261 14.57 12.92 -18.95
CA SER A 261 14.79 14.15 -18.22
C SER A 261 14.51 15.31 -19.16
N LEU A 262 13.53 16.13 -18.83
CA LEU A 262 13.14 17.25 -19.68
C LEU A 262 12.83 18.50 -18.87
N LYS A 263 12.90 19.64 -19.55
N LYS A 263 12.90 19.64 -19.55
CA LYS A 263 12.57 20.94 -18.99
CA LYS A 263 12.56 20.94 -19.00
C LYS A 263 11.10 21.28 -19.28
C LYS A 263 11.10 21.27 -19.28
N GLU A 264 10.61 22.32 -18.63
CA GLU A 264 9.21 22.73 -18.83
C GLU A 264 8.97 23.21 -20.26
N GLY A 265 10.02 23.62 -20.97
CA GLY A 265 9.84 24.04 -22.35
C GLY A 265 9.64 22.89 -23.29
N GLN A 266 10.32 21.76 -23.04
CA GLN A 266 10.29 20.62 -23.94
C GLN A 266 9.02 19.79 -23.87
N ILE A 267 8.01 20.23 -23.11
CA ILE A 267 6.78 19.44 -22.92
C ILE A 267 5.80 19.89 -23.98
N ASN A 268 5.88 19.28 -25.16
CA ASN A 268 4.98 19.60 -26.25
C ASN A 268 3.74 18.71 -26.18
N ASP A 269 2.91 18.77 -27.22
CA ASP A 269 1.71 17.95 -27.29
C ASP A 269 2.03 16.48 -27.52
N MET A 270 3.07 16.15 -28.28
CA MET A 270 3.44 14.75 -28.43
C MET A 270 3.79 14.14 -27.08
N ILE A 271 4.69 14.80 -26.34
CA ILE A 271 5.04 14.36 -25.00
C ILE A 271 3.77 14.17 -24.16
N LEU A 272 2.92 15.20 -24.14
CA LEU A 272 1.72 15.17 -23.29
C LEU A 272 0.83 13.99 -23.66
N SER A 273 0.78 13.66 -24.96
CA SER A 273 0.01 12.49 -25.38
C SER A 273 0.58 11.21 -24.77
N LEU A 274 1.91 11.08 -24.81
CA LEU A 274 2.53 9.89 -24.24
C LEU A 274 2.37 9.83 -22.74
N LEU A 275 2.58 10.96 -22.07
CA LEU A 275 2.23 11.01 -20.64
C LEU A 275 0.82 10.48 -20.42
N SER A 276 -0.13 11.01 -21.21
CA SER A 276 -1.55 10.71 -21.02
C SER A 276 -1.86 9.26 -21.24
N LYS A 277 -1.05 8.56 -22.03
N LYS A 277 -1.05 8.55 -22.03
CA LYS A 277 -1.27 7.15 -22.35
CA LYS A 277 -1.28 7.15 -22.33
C LYS A 277 -0.47 6.21 -21.45
C LYS A 277 -0.46 6.21 -21.45
N GLY A 278 0.15 6.73 -20.39
CA GLY A 278 0.98 5.86 -19.55
C GLY A 278 2.27 5.36 -20.18
N ARG A 279 2.78 6.01 -21.22
CA ARG A 279 3.95 5.53 -21.93
C ARG A 279 5.20 6.36 -21.65
N LEU A 280 5.15 7.29 -20.70
CA LEU A 280 6.29 8.14 -20.43
C LEU A 280 6.32 8.62 -18.99
N ILE A 281 7.53 8.61 -18.43
CA ILE A 281 7.80 9.20 -17.14
C ILE A 281 8.86 10.28 -17.31
N ILE A 282 8.59 11.46 -16.76
CA ILE A 282 9.58 12.54 -16.81
C ILE A 282 10.03 12.86 -15.40
N ARG A 283 11.32 12.60 -15.15
CA ARG A 283 12.01 12.88 -13.90
C ARG A 283 13.49 12.53 -14.12
N GLU A 284 14.31 12.89 -13.15
CA GLU A 284 15.68 12.39 -13.18
C GLU A 284 15.67 10.91 -12.79
N ASN A 285 16.74 10.20 -13.15
CA ASN A 285 16.93 8.84 -12.63
C ASN A 285 18.18 8.76 -11.75
N ASN A 286 18.41 9.80 -10.95
CA ASN A 286 19.49 9.78 -9.99
C ASN A 286 19.23 8.74 -8.89
N ARG A 287 20.14 8.74 -7.91
CA ARG A 287 19.98 7.94 -6.71
C ARG A 287 18.91 8.58 -5.84
N VAL A 288 18.25 7.74 -5.08
CA VAL A 288 17.14 8.14 -4.25
C VAL A 288 17.60 8.39 -2.82
N VAL A 289 17.34 9.61 -2.33
CA VAL A 289 17.78 10.05 -1.02
C VAL A 289 16.62 10.65 -0.26
N ILE A 290 16.38 10.16 0.95
CA ILE A 290 15.31 10.69 1.78
C ILE A 290 15.88 11.10 3.14
N SER A 291 15.15 11.93 3.83
CA SER A 291 15.57 12.32 5.15
C SER A 291 14.35 12.66 5.98
N SER A 292 14.54 12.60 7.28
CA SER A 292 13.53 12.93 8.27
C SER A 292 14.07 14.05 9.16
N ASP A 293 13.36 15.17 9.20
CA ASP A 293 13.73 16.26 10.09
C ASP A 293 13.64 15.83 11.55
N VAL A 294 14.60 16.29 12.36
CA VAL A 294 14.72 15.89 13.76
C VAL A 294 14.83 17.15 14.62
N LEU A 295 13.84 17.36 15.47
CA LEU A 295 13.87 18.48 16.38
C LEU A 295 14.79 18.16 17.56
N VAL A 296 15.69 19.08 17.87
CA VAL A 296 16.71 18.88 18.88
C VAL A 296 16.38 19.74 20.07
N ASN A 297 16.37 19.12 21.26
CA ASN A 297 15.98 19.78 22.49
C ASN A 297 16.70 19.18 23.69
N ASN A 298 17.02 20.05 24.65
CA ASN A 298 17.63 19.67 25.91
C ASN A 298 16.75 20.19 27.06
N GLU A 299 16.03 19.27 27.71
CA GLU A 299 15.03 19.51 28.74
C GLU A 299 15.61 19.65 30.15
N ASN A 300 16.90 19.36 30.34
CA ASN A 300 17.54 19.51 31.64
C ASN A 300 17.67 20.98 31.99
N LEU A 301 17.52 21.29 33.28
CA LEU A 301 17.51 22.68 33.76
C LEU A 301 18.45 22.75 34.98
N ALA B 19 30.74 -9.99 28.56
CA ALA B 19 30.37 -11.01 27.53
C ALA B 19 28.85 -11.19 27.44
N PHE B 20 28.09 -10.10 27.66
CA PHE B 20 26.64 -10.19 27.82
C PHE B 20 25.90 -9.70 26.58
N ALA B 21 25.06 -10.57 26.04
CA ALA B 21 24.05 -10.20 25.06
C ALA B 21 22.77 -10.96 25.35
N VAL B 22 21.65 -10.30 25.12
CA VAL B 22 20.36 -10.92 25.33
C VAL B 22 20.10 -11.95 24.23
N ASP B 23 19.57 -13.11 24.63
CA ASP B 23 19.23 -14.17 23.68
C ASP B 23 17.71 -14.17 23.45
N ALA B 24 17.27 -13.47 22.41
CA ALA B 24 15.84 -13.35 22.20
C ALA B 24 15.23 -14.65 21.69
N ALA B 25 15.97 -15.37 20.85
CA ALA B 25 15.46 -16.62 20.31
C ALA B 25 15.12 -17.59 21.43
N LYS B 26 16.01 -17.74 22.41
CA LYS B 26 15.74 -18.67 23.49
C LYS B 26 14.53 -18.22 24.29
N ALA B 27 14.42 -16.91 24.52
CA ALA B 27 13.32 -16.39 25.30
C ALA B 27 11.98 -16.73 24.67
N TYR B 28 11.86 -16.55 23.35
CA TYR B 28 10.62 -16.88 22.69
C TYR B 28 10.34 -18.37 22.79
N LYS B 29 11.35 -19.19 22.46
CA LYS B 29 11.18 -20.63 22.55
C LYS B 29 10.68 -21.03 23.94
N ASP B 30 11.25 -20.43 24.99
CA ASP B 30 10.86 -20.77 26.36
C ASP B 30 9.46 -20.27 26.67
N TYR B 31 9.10 -19.11 26.15
CA TYR B 31 7.75 -18.57 26.40
C TYR B 31 6.70 -19.46 25.74
N LEU B 32 6.98 -19.95 24.53
CA LEU B 32 6.05 -20.88 23.88
C LEU B 32 5.93 -22.18 24.70
N ALA B 33 7.03 -22.65 25.28
CA ALA B 33 6.97 -23.87 26.09
C ALA B 33 6.27 -23.64 27.42
N SER B 34 6.28 -22.41 27.97
CA SER B 34 5.52 -22.08 29.16
C SER B 34 4.02 -21.99 28.89
N GLY B 35 3.62 -22.10 27.63
CA GLY B 35 2.24 -21.90 27.25
C GLY B 35 1.89 -20.52 26.75
N GLY B 36 2.87 -19.73 26.33
CA GLY B 36 2.59 -18.38 25.91
C GLY B 36 1.94 -18.32 24.54
N GLN B 37 1.16 -17.25 24.32
CA GLN B 37 0.46 -17.08 23.05
C GLN B 37 1.44 -16.62 21.97
N PRO B 38 1.44 -17.26 20.81
CA PRO B 38 2.37 -16.86 19.75
C PRO B 38 2.16 -15.42 19.31
N ILE B 39 3.23 -14.85 18.75
CA ILE B 39 3.14 -13.50 18.19
C ILE B 39 2.06 -13.50 17.11
N THR B 40 1.29 -12.43 17.09
CA THR B 40 0.15 -12.30 16.23
C THR B 40 0.38 -11.16 15.24
N ASN B 41 -0.59 -10.99 14.35
CA ASN B 41 -0.58 -9.95 13.34
C ASN B 41 0.57 -10.11 12.35
N CYS B 42 1.11 -11.32 12.22
CA CYS B 42 1.85 -11.61 11.00
C CYS B 42 0.92 -11.39 9.82
N VAL B 43 1.43 -10.77 8.75
CA VAL B 43 0.62 -10.27 7.65
C VAL B 43 0.47 -11.37 6.60
N LYS B 44 -0.70 -12.01 6.59
CA LYS B 44 -0.94 -13.08 5.61
C LYS B 44 -1.32 -12.47 4.25
N MET B 45 -0.72 -12.97 3.18
CA MET B 45 -0.99 -12.44 1.86
C MET B 45 -2.05 -13.29 1.14
N LEU B 46 -2.79 -12.63 0.26
CA LEU B 46 -3.56 -13.32 -0.75
C LEU B 46 -2.65 -13.72 -1.90
N CYS B 47 -2.80 -14.97 -2.34
CA CYS B 47 -1.95 -15.53 -3.40
C CYS B 47 -2.69 -16.70 -4.04
N THR B 48 -2.05 -17.26 -5.07
CA THR B 48 -2.69 -18.34 -5.81
C THR B 48 -2.55 -19.68 -5.13
N HIS B 49 -1.61 -19.81 -4.18
CA HIS B 49 -1.26 -21.11 -3.62
C HIS B 49 -0.95 -22.13 -4.70
N THR B 50 -0.38 -21.67 -5.84
CA THR B 50 0.22 -22.58 -6.82
C THR B 50 1.70 -22.27 -7.09
N GLY B 51 2.37 -21.64 -6.11
CA GLY B 51 3.74 -21.22 -6.30
C GLY B 51 4.72 -22.32 -5.99
N THR B 52 6.00 -21.93 -5.87
CA THR B 52 7.10 -22.90 -5.91
C THR B 52 7.26 -23.68 -4.63
N GLY B 53 6.71 -23.15 -3.53
CA GLY B 53 6.87 -23.78 -2.25
C GLY B 53 8.14 -23.42 -1.51
N GLN B 54 9.05 -22.66 -2.11
CA GLN B 54 10.28 -22.29 -1.43
C GLN B 54 10.04 -21.43 -0.19
N ALA B 55 11.04 -21.40 0.68
CA ALA B 55 10.86 -20.90 2.04
C ALA B 55 10.75 -19.37 2.07
N ILE B 56 11.69 -18.69 1.43
CA ILE B 56 11.75 -17.23 1.49
C ILE B 56 11.96 -16.71 0.07
N THR B 57 11.07 -15.85 -0.39
CA THR B 57 11.05 -15.48 -1.78
C THR B 57 10.69 -14.02 -1.94
N VAL B 58 10.90 -13.48 -3.14
CA VAL B 58 10.71 -12.05 -3.34
C VAL B 58 9.25 -11.68 -3.53
N THR B 59 8.41 -12.63 -3.86
CA THR B 59 6.97 -12.49 -4.02
C THR B 59 6.35 -13.74 -3.46
N PRO B 60 5.10 -13.69 -3.00
CA PRO B 60 4.45 -14.88 -2.43
C PRO B 60 4.56 -16.10 -3.36
N GLU B 61 4.95 -17.23 -2.77
CA GLU B 61 5.22 -18.46 -3.50
C GLU B 61 4.58 -19.64 -2.79
N ALA B 62 3.59 -19.37 -1.94
CA ALA B 62 2.87 -20.44 -1.25
C ALA B 62 2.39 -21.47 -2.24
N ASN B 63 2.53 -22.73 -1.86
CA ASN B 63 1.87 -23.80 -2.59
C ASN B 63 0.56 -24.18 -1.89
N MET B 64 0.01 -25.34 -2.24
CA MET B 64 -1.34 -25.69 -1.80
C MET B 64 -1.41 -25.90 -0.29
N ASP B 65 -0.30 -26.30 0.32
CA ASP B 65 -0.25 -26.59 1.74
C ASP B 65 0.48 -25.53 2.53
N GLN B 66 0.61 -24.32 2.00
CA GLN B 66 1.35 -23.25 2.63
C GLN B 66 0.56 -21.95 2.63
N GLU B 67 0.86 -21.08 3.57
CA GLU B 67 0.46 -19.69 3.54
C GLU B 67 1.68 -18.84 3.35
N SER B 68 1.49 -17.70 2.68
CA SER B 68 2.53 -16.70 2.50
C SER B 68 2.28 -15.49 3.38
N PHE B 69 3.36 -14.97 3.95
CA PHE B 69 3.34 -13.82 4.84
C PHE B 69 4.39 -12.79 4.42
N GLY B 70 4.08 -11.54 4.77
CA GLY B 70 5.11 -10.50 4.69
C GLY B 70 6.22 -10.82 5.66
N GLY B 71 7.46 -10.74 5.16
CA GLY B 71 8.59 -11.30 5.90
C GLY B 71 8.86 -10.57 7.18
N ALA B 72 8.90 -9.24 7.11
CA ALA B 72 9.20 -8.47 8.32
C ALA B 72 8.30 -8.86 9.47
N SER B 73 7.01 -9.07 9.19
CA SER B 73 6.09 -9.31 10.28
C SER B 73 6.29 -10.68 10.91
N CYS B 74 7.09 -11.55 10.30
CA CYS B 74 7.38 -12.88 10.86
C CYS B 74 8.79 -12.97 11.46
N CYS B 75 9.46 -11.85 11.63
CA CYS B 75 10.83 -11.85 12.10
C CYS B 75 10.84 -11.41 13.55
N LEU B 76 11.32 -12.30 14.43
CA LEU B 76 11.33 -12.00 15.85
C LEU B 76 12.08 -10.70 16.12
N TYR B 77 13.21 -10.49 15.44
CA TYR B 77 14.04 -9.32 15.70
C TYR B 77 13.37 -8.05 15.22
N CYS B 78 12.85 -8.06 13.98
CA CYS B 78 12.03 -6.95 13.54
C CYS B 78 10.94 -6.64 14.55
N ARG B 79 10.20 -7.67 14.98
CA ARG B 79 8.95 -7.44 15.73
C ARG B 79 9.23 -7.02 17.16
N CYS B 80 10.40 -7.35 17.69
CA CYS B 80 10.76 -6.99 19.05
C CYS B 80 11.66 -5.77 19.12
N HIS B 81 11.97 -5.13 18.00
CA HIS B 81 12.80 -3.93 18.02
C HIS B 81 14.15 -4.24 18.67
N ILE B 82 14.78 -5.32 18.21
CA ILE B 82 16.10 -5.67 18.68
C ILE B 82 17.02 -6.08 17.53
N ASP B 83 18.32 -6.05 17.82
CA ASP B 83 19.35 -6.27 16.80
C ASP B 83 19.26 -7.67 16.19
N HIS B 84 19.55 -7.77 14.91
CA HIS B 84 19.53 -9.08 14.30
C HIS B 84 20.81 -9.83 14.61
N PRO B 85 20.73 -11.17 14.72
CA PRO B 85 21.91 -11.97 15.12
C PRO B 85 23.08 -11.85 14.18
N ASN B 86 22.84 -11.66 12.88
N ASN B 86 22.84 -11.65 12.89
CA ASN B 86 23.88 -11.34 11.90
CA ASN B 86 23.89 -11.38 11.93
C ASN B 86 24.81 -10.29 12.51
C ASN B 86 24.80 -10.31 12.51
N PRO B 87 26.12 -10.35 12.26
CA PRO B 87 26.99 -9.25 12.71
C PRO B 87 26.74 -7.96 11.93
N LYS B 88 26.25 -8.06 10.69
CA LYS B 88 25.83 -6.89 9.94
C LYS B 88 24.43 -6.42 10.29
N GLY B 89 23.68 -7.22 11.05
CA GLY B 89 22.32 -6.90 11.40
C GLY B 89 21.32 -7.07 10.28
N PHE B 90 21.73 -7.60 9.13
CA PHE B 90 20.84 -7.80 7.99
C PHE B 90 19.72 -8.78 8.34
N CYS B 91 18.51 -8.51 7.83
CA CYS B 91 17.36 -9.38 8.03
C CYS B 91 17.10 -10.21 6.79
N ASP B 92 17.02 -11.53 6.97
CA ASP B 92 16.75 -12.43 5.86
C ASP B 92 15.27 -12.49 5.50
N LEU B 93 14.40 -11.86 6.26
CA LEU B 93 12.97 -11.91 6.02
C LEU B 93 12.39 -10.58 5.54
N LYS B 94 12.90 -9.48 6.07
CA LYS B 94 12.38 -8.16 5.72
C LYS B 94 12.36 -7.95 4.22
N GLY B 95 11.24 -7.41 3.75
CA GLY B 95 11.12 -7.09 2.35
C GLY B 95 10.97 -8.30 1.45
N LYS B 96 10.67 -9.46 2.02
CA LYS B 96 10.46 -10.67 1.23
C LYS B 96 9.19 -11.34 1.76
N TYR B 97 8.92 -12.54 1.30
CA TYR B 97 7.75 -13.30 1.70
C TYR B 97 8.21 -14.67 2.16
N VAL B 98 7.70 -15.09 3.28
CA VAL B 98 8.01 -16.38 3.85
C VAL B 98 6.78 -17.28 3.69
N GLN B 99 7.03 -18.51 3.27
CA GLN B 99 6.01 -19.54 3.19
C GLN B 99 6.02 -20.39 4.45
N ILE B 100 4.88 -20.49 5.09
CA ILE B 100 4.71 -21.27 6.31
C ILE B 100 3.78 -22.43 5.99
N PRO B 101 4.13 -23.67 6.32
CA PRO B 101 3.14 -24.76 6.27
C PRO B 101 1.85 -24.29 6.90
N THR B 102 0.74 -24.63 6.26
CA THR B 102 -0.55 -24.23 6.81
C THR B 102 -0.73 -24.80 8.20
N THR B 103 -0.22 -25.99 8.48
CA THR B 103 -0.36 -26.53 9.82
C THR B 103 0.40 -25.73 10.88
N CYS B 104 1.34 -24.86 10.50
CA CYS B 104 2.13 -24.11 11.48
C CYS B 104 1.86 -22.61 11.43
N ALA B 105 0.83 -22.18 10.71
CA ALA B 105 0.62 -20.75 10.47
C ALA B 105 0.11 -19.99 11.70
N ASN B 106 -0.39 -20.68 12.73
CA ASN B 106 -0.73 -20.02 13.98
C ASN B 106 0.47 -19.33 14.65
N ASP B 107 1.71 -19.72 14.32
CA ASP B 107 2.91 -19.13 14.92
C ASP B 107 4.03 -19.02 13.89
N PRO B 108 3.89 -18.11 12.93
CA PRO B 108 4.92 -18.00 11.90
C PRO B 108 6.29 -17.63 12.43
N VAL B 109 6.32 -16.73 13.42
CA VAL B 109 7.61 -16.32 14.00
C VAL B 109 8.30 -17.52 14.64
N GLY B 110 7.52 -18.30 15.39
CA GLY B 110 8.03 -19.55 15.92
C GLY B 110 8.62 -20.42 14.84
N PHE B 111 7.90 -20.55 13.71
CA PHE B 111 8.34 -21.44 12.66
C PHE B 111 9.68 -20.99 12.08
N THR B 112 9.77 -19.71 11.69
CA THR B 112 10.98 -19.20 11.07
C THR B 112 12.17 -19.27 12.02
N LEU B 113 11.91 -19.08 13.31
CA LEU B 113 12.99 -19.14 14.29
C LEU B 113 13.54 -20.55 14.39
N LYS B 114 12.66 -21.55 14.44
CA LYS B 114 13.06 -22.92 14.77
C LYS B 114 13.60 -23.66 13.57
N ASN B 115 13.21 -23.25 12.36
CA ASN B 115 13.52 -24.04 11.18
C ASN B 115 14.58 -23.35 10.35
N THR B 116 15.13 -24.11 9.41
CA THR B 116 16.27 -23.62 8.66
C THR B 116 16.01 -23.95 7.21
N VAL B 117 16.40 -23.03 6.32
CA VAL B 117 16.21 -23.17 4.88
C VAL B 117 17.38 -23.93 4.26
N CYS B 118 17.05 -24.92 3.41
CA CYS B 118 18.06 -25.61 2.62
C CYS B 118 18.78 -24.62 1.69
N THR B 119 20.10 -24.56 1.83
CA THR B 119 20.92 -23.68 1.00
C THR B 119 20.92 -24.13 -0.46
N VAL B 120 20.49 -25.35 -0.73
CA VAL B 120 20.60 -25.93 -2.06
C VAL B 120 19.33 -25.71 -2.86
N CYS B 121 18.22 -26.32 -2.42
CA CYS B 121 16.98 -26.22 -3.18
C CYS B 121 16.11 -25.02 -2.80
N GLY B 122 16.33 -24.40 -1.65
CA GLY B 122 15.51 -23.28 -1.24
C GLY B 122 14.24 -23.62 -0.49
N MET B 123 13.99 -24.89 -0.19
CA MET B 123 12.86 -25.33 0.61
C MET B 123 13.24 -25.37 2.10
N TRP B 124 12.22 -25.39 2.95
CA TRP B 124 12.44 -25.59 4.37
C TRP B 124 12.97 -26.99 4.63
N LYS B 125 14.03 -27.12 5.42
CA LYS B 125 14.46 -28.46 5.79
C LYS B 125 13.33 -29.11 6.59
N GLY B 126 12.89 -30.28 6.17
CA GLY B 126 11.79 -30.94 6.84
C GLY B 126 10.40 -30.51 6.44
N TYR B 127 10.27 -29.57 5.52
CA TYR B 127 8.95 -29.14 5.03
C TYR B 127 9.08 -28.78 3.54
N GLY B 128 9.66 -29.69 2.76
CA GLY B 128 9.84 -29.46 1.33
C GLY B 128 11.15 -30.03 0.80
N CYS B 129 12.24 -29.80 1.51
CA CYS B 129 13.54 -30.19 1.02
C CYS B 129 13.64 -31.71 0.94
N SER B 130 13.97 -32.23 -0.25
CA SER B 130 14.19 -33.65 -0.43
C SER B 130 15.56 -33.96 -1.02
N CYS B 131 16.48 -32.99 -0.96
CA CYS B 131 17.84 -33.20 -1.44
C CYS B 131 18.33 -34.56 -0.97
N ASP B 132 17.99 -34.89 0.28
CA ASP B 132 18.40 -36.14 0.91
C ASP B 132 17.41 -37.24 0.55
N GLN B 133 17.54 -37.73 -0.69
CA GLN B 133 16.74 -38.85 -1.16
C GLN B 133 17.54 -39.65 -2.17
N LEU B 134 17.10 -40.90 -2.38
CA LEU B 134 17.72 -41.79 -3.35
C LEU B 134 19.22 -41.92 -3.03
#